data_3NTZ
#
_entry.id   3NTZ
#
_cell.length_a   84.287
_cell.length_b   84.287
_cell.length_c   77.792
_cell.angle_alpha   90.00
_cell.angle_beta   90.00
_cell.angle_gamma   120.00
#
_symmetry.space_group_name_H-M   'H 3'
#
loop_
_entity.id
_entity.type
_entity.pdbx_description
1 polymer 'Dihydrofolate reductase'
2 non-polymer 'N-[(4-{[(2-amino-4-oxo-3,4-dihydro[1]benzothieno[2,3-d]pyrimidin-5-yl)methyl]amino}phenyl)carbonyl]-L-glutamic acid'
3 non-polymer 'NADPH DIHYDRO-NICOTINAMIDE-ADENINE-DINUCLEOTIDE PHOSPHATE'
4 non-polymer 'SULFATE ION'
5 water water
#
_entity_poly.entity_id   1
_entity_poly.type   'polypeptide(L)'
_entity_poly.pdbx_seq_one_letter_code
;VGSLNCIVAVSQNMGIGKNGDLPWPPLRNEFRYFQRMTTTSSVEGKQNLVIMGKKTWFSIPEKNRPLKGRINLVLSRELK
EPPQGAHFLSRSLDDALKLTEQPELANKVDMVWIVGGSSVYKEAMNHPGHLKLFVTRIMQDFESDTFFPEIDLEKYKLLP
EYPGVLSDVQEEKGIKYKFEVYEKND
;
_entity_poly.pdbx_strand_id   A
#
loop_
_chem_comp.id
_chem_comp.type
_chem_comp.name
_chem_comp.formula
3TZ non-polymer 'N-[(4-{[(2-amino-4-oxo-3,4-dihydro[1]benzothieno[2,3-d]pyrimidin-5-yl)methyl]amino}phenyl)carbonyl]-L-glutamic acid' 'C23 H21 N5 O6 S'
NDP non-polymer 'NADPH DIHYDRO-NICOTINAMIDE-ADENINE-DINUCLEOTIDE PHOSPHATE' 'C21 H30 N7 O17 P3'
SO4 non-polymer 'SULFATE ION' 'O4 S -2'
#
# COMPACT_ATOMS: atom_id res chain seq x y z
N VAL A 1 1.92 -18.35 -0.61
CA VAL A 1 1.95 -16.84 -0.43
C VAL A 1 0.75 -16.52 0.48
N GLY A 2 0.88 -15.54 1.38
CA GLY A 2 -0.23 -15.19 2.28
C GLY A 2 -1.21 -14.15 1.68
N SER A 3 -1.60 -13.29 2.60
CA SER A 3 -2.74 -12.40 2.22
C SER A 3 -2.38 -11.32 1.21
N LEU A 4 -3.41 -10.79 0.57
CA LEU A 4 -3.29 -9.58 -0.32
C LEU A 4 -3.90 -8.44 0.39
N ASN A 5 -3.22 -7.30 0.30
CA ASN A 5 -3.55 -6.08 1.12
C ASN A 5 -3.22 -4.85 0.32
N CYS A 6 -3.99 -3.78 0.52
CA CYS A 6 -3.56 -2.43 0.07
C CYS A 6 -3.33 -1.61 1.29
N ILE A 7 -2.42 -0.66 1.24
CA ILE A 7 -2.26 0.29 2.34
C ILE A 7 -2.14 1.67 1.70
N VAL A 8 -2.73 2.67 2.39
CA VAL A 8 -2.78 4.06 1.83
C VAL A 8 -3.01 4.97 2.99
N ALA A 9 -2.65 6.25 2.77
CA ALA A 9 -3.10 7.34 3.62
C ALA A 9 -3.82 8.33 2.69
N VAL A 10 -4.99 8.80 3.10
CA VAL A 10 -5.84 9.57 2.21
C VAL A 10 -6.49 10.73 2.93
N SER A 11 -6.54 11.91 2.29
CA SER A 11 -7.25 13.05 2.92
C SER A 11 -8.75 12.91 2.75
N GLN A 12 -9.49 13.87 3.35
N GLN A 12 -9.45 13.87 3.38
CA GLN A 12 -10.94 13.82 3.25
CA GLN A 12 -10.88 13.85 3.35
C GLN A 12 -11.48 13.96 1.85
C GLN A 12 -11.44 14.00 1.93
N ASN A 13 -10.76 14.74 1.04
CA ASN A 13 -11.15 14.84 -0.33
C ASN A 13 -10.54 13.77 -1.25
N MET A 14 -10.07 12.70 -0.58
N MET A 14 -10.26 12.59 -0.66
CA MET A 14 -9.59 11.45 -1.22
CA MET A 14 -9.67 11.42 -1.38
C MET A 14 -8.27 11.64 -1.93
C MET A 14 -8.22 11.59 -1.91
N GLY A 15 -7.54 12.65 -1.52
CA GLY A 15 -6.23 12.88 -2.10
C GLY A 15 -5.17 11.98 -1.51
N ILE A 16 -4.22 11.54 -2.37
CA ILE A 16 -3.07 10.75 -1.94
C ILE A 16 -1.77 11.33 -2.39
N GLY A 17 -1.73 12.29 -3.33
CA GLY A 17 -0.44 12.77 -3.91
C GLY A 17 -0.60 14.17 -4.48
N LYS A 18 0.49 14.92 -4.47
CA LYS A 18 0.50 16.22 -5.15
C LYS A 18 1.96 16.37 -5.58
N ASN A 19 2.10 16.60 -6.92
CA ASN A 19 3.45 16.94 -7.46
C ASN A 19 4.50 15.87 -7.06
N GLY A 20 4.12 14.58 -7.04
CA GLY A 20 5.06 13.50 -6.89
C GLY A 20 5.40 13.28 -5.38
N ASP A 21 4.67 13.91 -4.48
CA ASP A 21 4.86 13.70 -3.05
C ASP A 21 3.49 13.69 -2.42
N LEU A 22 3.50 13.62 -1.07
CA LEU A 22 2.22 13.61 -0.35
C LEU A 22 1.58 14.92 -0.28
N PRO A 23 0.26 15.04 -0.11
CA PRO A 23 -0.43 16.39 -0.04
C PRO A 23 -0.16 17.12 1.26
N TRP A 24 0.19 16.36 2.28
CA TRP A 24 0.41 16.88 3.65
C TRP A 24 1.86 16.82 4.01
N PRO A 25 2.29 17.64 5.00
CA PRO A 25 3.64 17.57 5.49
C PRO A 25 3.91 16.27 6.19
N PRO A 26 5.16 15.95 6.40
CA PRO A 26 5.53 14.65 6.92
C PRO A 26 4.89 14.32 8.28
N LEU A 27 4.24 13.15 8.36
CA LEU A 27 3.67 12.64 9.60
C LEU A 27 4.48 11.48 10.02
N ARG A 28 5.46 11.68 10.92
CA ARG A 28 6.50 10.69 11.13
C ARG A 28 5.94 9.41 11.70
N ASN A 29 5.02 9.51 12.62
CA ASN A 29 4.44 8.22 13.19
C ASN A 29 3.51 7.51 12.17
N GLU A 30 2.82 8.31 11.32
CA GLU A 30 2.06 7.68 10.22
C GLU A 30 2.98 6.88 9.29
N PHE A 31 4.14 7.50 8.92
CA PHE A 31 5.11 6.78 8.13
C PHE A 31 5.62 5.55 8.84
N ARG A 32 5.83 5.61 10.15
CA ARG A 32 6.27 4.41 10.89
C ARG A 32 5.23 3.29 10.88
N TYR A 33 3.95 3.70 10.91
CA TYR A 33 2.80 2.75 10.80
C TYR A 33 2.91 2.01 9.46
N PHE A 34 3.10 2.78 8.39
CA PHE A 34 3.25 2.15 7.07
C PHE A 34 4.42 1.16 7.11
N GLN A 35 5.53 1.57 7.67
CA GLN A 35 6.70 0.66 7.72
C GLN A 35 6.34 -0.61 8.48
N ARG A 36 5.72 -0.44 9.64
CA ARG A 36 5.48 -1.54 10.54
C ARG A 36 4.53 -2.50 9.83
N MET A 37 3.41 -1.95 9.28
CA MET A 37 2.45 -2.86 8.67
C MET A 37 3.00 -3.69 7.53
N THR A 38 3.66 -2.94 6.62
CA THR A 38 4.20 -3.57 5.40
C THR A 38 5.42 -4.52 5.69
N THR A 39 6.19 -4.23 6.76
CA THR A 39 7.38 -5.08 7.00
C THR A 39 7.04 -6.29 7.86
N THR A 40 6.08 -6.19 8.76
CA THR A 40 5.92 -7.29 9.79
C THR A 40 5.27 -8.51 9.12
N SER A 41 6.00 -9.63 9.20
CA SER A 41 5.61 -10.89 8.54
C SER A 41 5.28 -11.86 9.65
N SER A 42 4.09 -12.43 9.50
CA SER A 42 3.50 -13.40 10.37
C SER A 42 4.00 -14.89 10.11
N VAL A 43 5.21 -15.08 9.53
CA VAL A 43 5.68 -16.39 8.98
C VAL A 43 7.21 -16.55 8.90
N GLU A 44 7.70 -17.54 9.66
CA GLU A 44 9.15 -17.70 9.83
C GLU A 44 9.87 -17.91 8.49
N GLY A 45 11.03 -17.23 8.35
CA GLY A 45 11.83 -17.20 7.14
C GLY A 45 11.16 -16.65 5.87
N LYS A 46 10.14 -15.79 6.04
CA LYS A 46 9.56 -15.16 4.86
C LYS A 46 9.63 -13.65 5.08
N GLN A 47 9.48 -12.89 4.01
N GLN A 47 9.48 -12.99 3.91
CA GLN A 47 9.31 -11.43 4.20
CA GLN A 47 9.41 -11.51 3.75
C GLN A 47 8.07 -11.10 3.32
C GLN A 47 8.07 -11.11 3.07
N ASN A 48 7.54 -9.91 3.45
CA ASN A 48 6.39 -9.39 2.68
C ASN A 48 6.94 -8.78 1.38
N LEU A 49 6.10 -8.82 0.39
CA LEU A 49 6.35 -8.20 -0.91
C LEU A 49 5.53 -6.92 -1.02
N VAL A 50 6.15 -5.84 -1.49
CA VAL A 50 5.46 -4.59 -1.83
C VAL A 50 5.37 -4.45 -3.32
N ILE A 51 4.17 -4.12 -3.84
CA ILE A 51 3.92 -3.92 -5.28
C ILE A 51 3.58 -2.44 -5.41
N MET A 52 4.25 -1.75 -6.32
CA MET A 52 3.98 -0.30 -6.56
C MET A 52 4.15 0.10 -7.99
N GLY A 53 3.39 1.12 -8.42
CA GLY A 53 3.67 1.75 -9.74
C GLY A 53 4.97 2.47 -9.74
N LYS A 54 5.34 2.80 -10.98
CA LYS A 54 6.67 3.39 -11.17
C LYS A 54 6.81 4.81 -10.50
N LYS A 55 5.72 5.62 -10.59
CA LYS A 55 5.84 6.97 -9.97
C LYS A 55 5.85 6.84 -8.48
N THR A 56 5.13 5.86 -7.92
CA THR A 56 5.23 5.69 -6.49
C THR A 56 6.64 5.25 -6.03
N TRP A 57 7.28 4.34 -6.77
CA TRP A 57 8.68 4.02 -6.49
C TRP A 57 9.56 5.26 -6.40
N PHE A 58 9.48 6.11 -7.44
CA PHE A 58 10.32 7.27 -7.49
C PHE A 58 9.91 8.34 -6.54
N SER A 59 8.70 8.23 -5.98
CA SER A 59 8.26 9.15 -4.91
C SER A 59 8.87 8.82 -3.56
N ILE A 60 9.44 7.63 -3.40
CA ILE A 60 10.05 7.30 -2.08
C ILE A 60 11.47 7.90 -2.14
N PRO A 61 11.93 8.58 -1.06
CA PRO A 61 13.29 9.16 -1.08
C PRO A 61 14.30 8.04 -1.42
N GLU A 62 15.23 8.29 -2.35
CA GLU A 62 16.26 7.33 -2.77
C GLU A 62 16.99 6.70 -1.58
N LYS A 63 17.20 7.47 -0.51
CA LYS A 63 17.91 6.88 0.63
C LYS A 63 17.11 5.69 1.22
N ASN A 64 15.78 5.66 0.96
CA ASN A 64 14.90 4.76 1.67
C ASN A 64 14.34 3.70 0.71
N ARG A 65 14.90 3.65 -0.46
CA ARG A 65 14.64 2.59 -1.45
C ARG A 65 15.86 1.66 -1.54
N PRO A 66 15.63 0.36 -1.81
CA PRO A 66 14.27 -0.25 -1.65
C PRO A 66 13.75 -0.11 -0.21
N LEU A 67 12.43 -0.29 -0.06
CA LEU A 67 11.84 -0.39 1.31
C LEU A 67 12.50 -1.59 2.04
N LYS A 68 13.22 -1.28 3.10
CA LYS A 68 14.08 -2.35 3.63
C LYS A 68 13.28 -3.48 4.25
N GLY A 69 13.83 -4.66 4.19
CA GLY A 69 13.17 -5.81 4.85
C GLY A 69 11.94 -6.35 4.10
N ARG A 70 11.63 -5.82 2.92
CA ARG A 70 10.56 -6.23 2.03
C ARG A 70 11.10 -6.47 0.65
N ILE A 71 10.48 -7.36 -0.10
CA ILE A 71 10.86 -7.51 -1.45
C ILE A 71 10.12 -6.44 -2.26
N ASN A 72 10.83 -5.67 -3.11
CA ASN A 72 10.21 -4.52 -3.80
C ASN A 72 10.00 -4.80 -5.22
N LEU A 73 8.77 -4.75 -5.71
CA LEU A 73 8.39 -4.98 -7.06
C LEU A 73 7.73 -3.75 -7.66
N VAL A 74 8.26 -3.29 -8.75
CA VAL A 74 7.72 -2.17 -9.50
C VAL A 74 6.94 -2.55 -10.71
N LEU A 75 5.80 -1.91 -10.96
CA LEU A 75 4.98 -2.13 -12.17
C LEU A 75 5.30 -1.04 -13.19
N SER A 76 5.64 -1.49 -14.41
CA SER A 76 5.91 -0.59 -15.54
C SER A 76 5.88 -1.38 -16.80
N ARG A 77 5.32 -0.78 -17.86
CA ARG A 77 5.45 -1.33 -19.21
C ARG A 77 6.53 -0.64 -20.02
N GLU A 78 7.04 0.50 -19.60
CA GLU A 78 8.14 1.22 -20.30
C GLU A 78 9.51 0.74 -19.89
N LEU A 79 9.69 0.45 -18.61
CA LEU A 79 11.02 0.04 -18.09
C LEU A 79 11.35 -1.35 -18.69
N LYS A 80 12.66 -1.51 -18.86
CA LYS A 80 13.14 -2.80 -19.41
C LYS A 80 13.69 -3.69 -18.33
N GLU A 81 13.98 -3.12 -17.15
CA GLU A 81 14.50 -3.85 -16.00
C GLU A 81 14.08 -3.12 -14.70
N PRO A 82 14.19 -3.78 -13.56
CA PRO A 82 13.86 -3.08 -12.32
C PRO A 82 14.71 -1.82 -12.21
N PRO A 83 14.12 -0.76 -11.68
CA PRO A 83 14.98 0.42 -11.37
C PRO A 83 16.11 0.12 -10.40
N GLN A 84 17.16 0.95 -10.37
CA GLN A 84 18.22 0.83 -9.41
C GLN A 84 17.63 0.68 -7.99
N GLY A 85 18.00 -0.40 -7.34
CA GLY A 85 17.61 -0.68 -5.97
C GLY A 85 16.32 -1.53 -5.86
N ALA A 86 15.52 -1.69 -6.92
CA ALA A 86 14.27 -2.46 -6.87
C ALA A 86 14.67 -3.92 -7.17
N HIS A 87 13.78 -4.83 -6.83
CA HIS A 87 14.13 -6.27 -6.97
C HIS A 87 13.46 -6.88 -8.10
N PHE A 88 12.23 -6.50 -8.44
CA PHE A 88 11.47 -7.12 -9.51
C PHE A 88 10.70 -6.06 -10.37
N LEU A 89 10.34 -6.39 -11.56
CA LEU A 89 9.62 -5.54 -12.48
C LEU A 89 8.54 -6.40 -13.10
N SER A 90 7.28 -6.00 -13.07
CA SER A 90 6.24 -6.68 -13.82
C SER A 90 5.46 -5.70 -14.63
N ARG A 91 4.82 -6.26 -15.67
CA ARG A 91 4.05 -5.50 -16.65
C ARG A 91 2.58 -5.39 -16.41
N SER A 92 2.08 -6.09 -15.38
CA SER A 92 0.66 -5.99 -15.02
C SER A 92 0.58 -6.55 -13.61
N LEU A 93 -0.52 -6.14 -12.97
CA LEU A 93 -0.77 -6.64 -11.62
C LEU A 93 -0.92 -8.19 -11.66
N ASP A 94 -1.65 -8.68 -12.66
CA ASP A 94 -1.85 -10.17 -12.78
C ASP A 94 -0.47 -10.84 -12.87
N ASP A 95 0.41 -10.24 -13.68
CA ASP A 95 1.74 -10.80 -13.79
C ASP A 95 2.48 -10.79 -12.48
N ALA A 96 2.45 -9.67 -11.73
CA ALA A 96 3.14 -9.63 -10.48
C ALA A 96 2.62 -10.67 -9.51
N LEU A 97 1.29 -10.80 -9.43
CA LEU A 97 0.76 -11.77 -8.47
C LEU A 97 1.10 -13.20 -8.92
N LYS A 98 1.14 -13.46 -10.21
CA LYS A 98 1.58 -14.80 -10.73
C LYS A 98 3.02 -15.09 -10.41
N LEU A 99 3.84 -14.03 -10.43
CA LEU A 99 5.23 -14.17 -10.12
C LEU A 99 5.49 -14.66 -8.71
N THR A 100 4.61 -14.29 -7.77
CA THR A 100 4.80 -14.71 -6.38
C THR A 100 4.60 -16.22 -6.22
N GLU A 101 4.00 -16.86 -7.25
CA GLU A 101 3.81 -18.33 -7.35
C GLU A 101 4.94 -19.07 -8.06
N GLN A 102 5.84 -18.37 -8.73
CA GLN A 102 7.03 -19.00 -9.30
C GLN A 102 7.99 -19.57 -8.23
N PRO A 103 8.87 -20.53 -8.65
CA PRO A 103 9.90 -21.10 -7.74
C PRO A 103 10.76 -20.06 -7.01
N GLU A 104 11.16 -18.99 -7.72
CA GLU A 104 11.97 -17.94 -7.09
C GLU A 104 11.28 -17.40 -5.82
N LEU A 105 9.95 -17.28 -5.80
CA LEU A 105 9.30 -16.50 -4.74
C LEU A 105 8.27 -17.20 -3.85
N ALA A 106 7.63 -18.24 -4.42
CA ALA A 106 6.65 -19.13 -3.75
C ALA A 106 6.85 -19.39 -2.25
N ASN A 107 8.08 -19.70 -1.85
CA ASN A 107 8.39 -20.01 -0.47
C ASN A 107 9.01 -18.82 0.28
N LYS A 108 9.21 -17.69 -0.42
CA LYS A 108 9.89 -16.53 0.19
C LYS A 108 8.91 -15.46 0.66
N VAL A 109 7.74 -15.41 0.01
CA VAL A 109 6.76 -14.27 0.15
C VAL A 109 5.67 -14.65 1.19
N ASP A 110 5.52 -13.85 2.24
CA ASP A 110 4.35 -13.98 3.21
C ASP A 110 3.23 -13.01 2.62
N MET A 111 3.12 -11.81 3.20
CA MET A 111 1.95 -10.94 2.76
C MET A 111 2.35 -10.19 1.46
N VAL A 112 1.36 -9.86 0.65
CA VAL A 112 1.58 -8.95 -0.51
C VAL A 112 0.87 -7.63 -0.14
N TRP A 113 1.60 -6.52 -0.26
CA TRP A 113 1.08 -5.16 0.05
C TRP A 113 1.16 -4.31 -1.20
N ILE A 114 -0.01 -3.93 -1.71
CA ILE A 114 -0.12 -2.93 -2.78
C ILE A 114 0.00 -1.59 -2.13
N VAL A 115 1.00 -0.80 -2.57
CA VAL A 115 1.30 0.48 -1.97
C VAL A 115 1.08 1.63 -2.95
N GLY A 116 0.30 1.42 -4.02
CA GLY A 116 -0.08 2.54 -4.90
C GLY A 116 0.63 2.59 -6.23
N GLY A 117 0.28 3.48 -7.16
CA GLY A 117 -0.66 4.61 -6.95
C GLY A 117 -2.07 4.23 -7.37
N SER A 118 -2.76 5.24 -7.91
CA SER A 118 -4.23 5.16 -8.05
C SER A 118 -4.67 3.99 -8.93
N SER A 119 -4.02 3.78 -10.10
CA SER A 119 -4.48 2.73 -10.98
C SER A 119 -4.29 1.33 -10.37
N VAL A 120 -3.17 1.11 -9.64
CA VAL A 120 -2.99 -0.24 -9.12
C VAL A 120 -3.95 -0.49 -7.94
N TYR A 121 -4.16 0.58 -7.14
CA TYR A 121 -5.17 0.42 -6.08
C TYR A 121 -6.51 0.07 -6.70
N LYS A 122 -6.90 0.79 -7.75
CA LYS A 122 -8.25 0.55 -8.32
C LYS A 122 -8.41 -0.88 -8.84
N GLU A 123 -7.37 -1.36 -9.54
CA GLU A 123 -7.45 -2.74 -10.10
C GLU A 123 -7.44 -3.77 -8.97
N ALA A 124 -6.55 -3.55 -7.97
CA ALA A 124 -6.46 -4.51 -6.85
C ALA A 124 -7.84 -4.55 -6.15
N MET A 125 -8.44 -3.35 -5.99
CA MET A 125 -9.71 -3.05 -5.28
C MET A 125 -10.99 -3.64 -5.94
N ASN A 126 -10.79 -4.16 -7.12
CA ASN A 126 -11.82 -4.88 -7.86
C ASN A 126 -11.34 -6.30 -8.26
N HIS A 127 -10.20 -6.76 -7.73
CA HIS A 127 -9.57 -8.12 -7.96
C HIS A 127 -10.58 -9.01 -7.20
N PRO A 128 -11.28 -9.95 -7.90
CA PRO A 128 -12.25 -10.76 -7.06
C PRO A 128 -11.36 -11.52 -6.10
N GLY A 129 -11.82 -11.85 -4.88
CA GLY A 129 -11.05 -12.59 -3.93
C GLY A 129 -10.98 -11.87 -2.55
N HIS A 130 -10.20 -12.42 -1.65
CA HIS A 130 -10.14 -11.95 -0.27
C HIS A 130 -9.05 -10.86 -0.25
N LEU A 131 -9.43 -9.65 0.25
CA LEU A 131 -8.49 -8.51 0.15
C LEU A 131 -8.76 -7.62 1.35
N LYS A 132 -7.77 -7.08 1.95
CA LYS A 132 -7.91 -6.06 3.02
C LYS A 132 -7.38 -4.72 2.58
N LEU A 133 -7.95 -3.65 3.09
CA LEU A 133 -7.47 -2.25 2.85
C LEU A 133 -7.12 -1.66 4.15
N PHE A 134 -5.89 -1.24 4.33
CA PHE A 134 -5.41 -0.49 5.51
C PHE A 134 -5.36 0.97 5.14
N VAL A 135 -6.37 1.69 5.65
CA VAL A 135 -6.56 3.08 5.17
C VAL A 135 -6.37 4.01 6.37
N THR A 136 -5.45 4.99 6.18
CA THR A 136 -5.32 6.08 7.18
C THR A 136 -6.14 7.24 6.69
N ARG A 137 -7.16 7.64 7.47
CA ARG A 137 -8.00 8.78 7.15
C ARG A 137 -7.34 9.99 7.75
N ILE A 138 -6.80 10.86 6.86
CA ILE A 138 -6.18 12.16 7.26
C ILE A 138 -7.41 13.08 7.25
N MET A 139 -7.75 13.58 8.44
CA MET A 139 -9.00 14.30 8.69
C MET A 139 -8.95 15.80 8.38
N GLN A 140 -8.53 16.11 7.18
CA GLN A 140 -8.55 17.50 6.63
C GLN A 140 -8.58 17.33 5.13
N ASP A 141 -8.99 18.38 4.41
CA ASP A 141 -8.87 18.43 2.94
C ASP A 141 -7.46 18.93 2.64
N PHE A 142 -6.79 18.35 1.65
CA PHE A 142 -5.51 18.85 1.18
C PHE A 142 -5.51 18.84 -0.34
N GLU A 143 -5.03 19.98 -0.95
CA GLU A 143 -4.92 20.05 -2.40
C GLU A 143 -4.04 18.85 -2.88
N SER A 144 -4.63 18.22 -3.90
CA SER A 144 -4.03 16.97 -4.41
C SER A 144 -4.17 16.92 -5.91
N ASP A 145 -3.30 16.15 -6.54
CA ASP A 145 -3.46 15.86 -7.93
C ASP A 145 -3.49 14.37 -8.28
N THR A 146 -3.52 13.54 -7.24
CA THR A 146 -3.75 12.11 -7.36
C THR A 146 -4.76 11.72 -6.30
N PHE A 147 -5.63 10.75 -6.59
CA PHE A 147 -6.70 10.46 -5.67
C PHE A 147 -6.82 8.94 -5.47
N PHE A 148 -7.35 8.58 -4.31
CA PHE A 148 -7.67 7.16 -4.04
C PHE A 148 -8.99 6.73 -4.70
N PRO A 149 -9.12 5.56 -5.29
CA PRO A 149 -10.38 5.19 -5.94
C PRO A 149 -11.43 5.01 -4.83
N GLU A 150 -12.66 4.97 -5.34
CA GLU A 150 -13.82 4.72 -4.50
C GLU A 150 -13.76 3.38 -3.80
N ILE A 151 -14.04 3.40 -2.50
CA ILE A 151 -14.19 2.16 -1.70
C ILE A 151 -15.65 1.79 -1.74
N ASP A 152 -15.97 0.67 -2.34
CA ASP A 152 -17.39 0.20 -2.35
C ASP A 152 -17.68 -0.46 -1.04
N LEU A 153 -18.42 0.20 -0.18
CA LEU A 153 -18.72 -0.31 1.12
C LEU A 153 -19.75 -1.43 1.12
N GLU A 154 -20.44 -1.68 0.05
N GLU A 154 -20.43 -1.67 -0.03
CA GLU A 154 -21.24 -2.90 0.09
CA GLU A 154 -21.27 -2.90 -0.24
C GLU A 154 -20.32 -4.14 0.24
C GLU A 154 -20.45 -4.23 -0.18
N LYS A 155 -19.13 -4.12 -0.42
CA LYS A 155 -18.24 -5.26 -0.41
C LYS A 155 -17.13 -5.12 0.66
N TYR A 156 -16.62 -3.92 0.89
CA TYR A 156 -15.55 -3.69 1.88
C TYR A 156 -16.16 -3.33 3.24
N LYS A 157 -16.11 -4.31 4.13
CA LYS A 157 -16.59 -4.10 5.48
C LYS A 157 -15.52 -3.43 6.34
N LEU A 158 -15.82 -2.32 6.96
CA LEU A 158 -14.93 -1.67 7.99
C LEU A 158 -14.89 -2.57 9.20
N LEU A 159 -13.74 -3.01 9.61
CA LEU A 159 -13.64 -3.96 10.70
C LEU A 159 -13.69 -3.17 12.04
N PRO A 160 -14.38 -3.72 13.07
CA PRO A 160 -14.56 -2.95 14.31
C PRO A 160 -13.39 -2.99 15.23
N GLU A 161 -12.35 -3.79 14.87
CA GLU A 161 -11.09 -3.84 15.64
C GLU A 161 -10.08 -4.56 14.73
N TYR A 162 -8.82 -4.37 14.97
CA TYR A 162 -7.81 -5.18 14.36
C TYR A 162 -6.55 -5.20 15.20
N PRO A 163 -6.00 -6.39 15.48
CA PRO A 163 -4.80 -6.40 16.40
C PRO A 163 -3.64 -5.60 15.86
N GLY A 164 -3.09 -4.75 16.73
CA GLY A 164 -1.93 -3.94 16.33
C GLY A 164 -2.24 -2.66 15.58
N VAL A 165 -3.54 -2.35 15.51
CA VAL A 165 -3.93 -1.06 14.90
C VAL A 165 -4.63 -0.25 15.96
N LEU A 166 -4.07 0.95 16.26
CA LEU A 166 -4.73 1.81 17.24
C LEU A 166 -6.04 2.36 16.75
N SER A 167 -7.04 2.44 17.64
CA SER A 167 -8.36 2.80 17.27
C SER A 167 -8.71 4.25 17.51
N ASP A 168 -7.92 4.96 18.35
CA ASP A 168 -8.26 6.35 18.64
C ASP A 168 -7.69 7.34 17.62
N VAL A 169 -8.06 8.59 17.78
CA VAL A 169 -7.56 9.65 16.90
C VAL A 169 -6.07 9.89 17.20
N GLN A 170 -5.27 10.05 16.19
CA GLN A 170 -3.85 10.40 16.21
C GLN A 170 -3.75 11.81 15.74
N GLU A 171 -2.62 12.47 16.13
CA GLU A 171 -2.39 13.85 15.70
C GLU A 171 -0.91 14.09 15.66
N GLU A 172 -0.49 14.60 14.48
CA GLU A 172 0.89 15.09 14.30
C GLU A 172 0.87 16.36 13.48
N LYS A 173 1.76 17.28 13.88
CA LYS A 173 1.80 18.55 13.16
C LYS A 173 0.45 19.25 13.01
N GLY A 174 -0.40 19.11 14.06
CA GLY A 174 -1.73 19.73 14.03
C GLY A 174 -2.78 19.02 13.15
N ILE A 175 -2.37 17.83 12.63
CA ILE A 175 -3.26 17.16 11.60
C ILE A 175 -3.81 15.84 12.30
N LYS A 176 -5.13 15.77 12.44
CA LYS A 176 -5.73 14.58 13.11
C LYS A 176 -5.90 13.54 12.03
N TYR A 177 -5.69 12.28 12.44
CA TYR A 177 -5.93 11.16 11.48
C TYR A 177 -6.31 9.89 12.27
N LYS A 178 -6.90 8.90 11.59
CA LYS A 178 -7.25 7.65 12.29
C LYS A 178 -6.99 6.53 11.36
N PHE A 179 -6.79 5.37 11.93
CA PHE A 179 -6.48 4.14 11.15
C PHE A 179 -7.73 3.28 11.00
N GLU A 180 -7.92 2.72 9.84
CA GLU A 180 -9.08 1.84 9.46
C GLU A 180 -8.54 0.61 8.76
N VAL A 181 -9.27 -0.51 8.96
CA VAL A 181 -9.03 -1.70 8.17
C VAL A 181 -10.34 -2.15 7.59
N TYR A 182 -10.34 -2.39 6.29
CA TYR A 182 -11.52 -2.92 5.56
C TYR A 182 -11.21 -4.29 5.06
N GLU A 183 -12.19 -5.15 4.94
CA GLU A 183 -12.03 -6.48 4.36
C GLU A 183 -13.17 -6.83 3.41
N LYS A 184 -12.85 -7.32 2.24
CA LYS A 184 -13.87 -7.94 1.35
C LYS A 184 -13.45 -9.42 1.14
N ASN A 185 -14.43 -10.21 0.68
CA ASN A 185 -14.15 -11.56 0.07
C ASN A 185 -15.23 -11.86 -0.90
N ASP A 186 -14.87 -11.79 -2.18
CA ASP A 186 -15.89 -12.05 -3.23
C ASP A 186 -15.24 -12.79 -4.39
C 3TZ B . 10.14 2.29 5.65
N 3TZ B . 9.51 4.57 5.03
O 3TZ B . 11.10 1.64 6.10
N1 3TZ B . 1.27 6.04 4.45
C2 3TZ B . 0.44 5.00 4.27
N3 3TZ B . 0.43 4.22 3.19
C4 3TZ B . 1.39 4.49 2.26
C5 3TZ B . 2.34 5.55 2.37
C6 3TZ B . 2.15 6.36 3.48
O6 3TZ B . 2.81 7.44 3.84
CA 3TZ B . 10.54 3.79 5.72
CB 3TZ B . 10.58 4.08 7.24
CD 3TZ B . 11.14 6.01 8.59
CG 3TZ B . 10.00 5.41 7.77
NAA 3TZ B . -0.47 4.67 5.25
OAD 3TZ B . 10.81 5.62 3.46
CAH 3TZ B . 4.68 5.06 -1.12
CAI 3TZ B . 4.98 6.12 -0.32
CAJ 3TZ B . 6.23 6.35 4.36
CAK 3TZ B . 7.11 7.23 2.18
CAL 3TZ B . 7.45 5.82 4.62
CAM 3TZ B . 8.33 6.66 2.44
CAN 3TZ B . 3.64 4.17 -0.82
CAQ 3TZ B . 4.80 7.70 1.50
NAT 3TZ B . 4.96 7.58 2.88
SAV 3TZ B . 1.51 3.64 0.85
CAY 3TZ B . 9.73 5.35 4.00
CBA 3TZ B . 6.10 7.04 3.13
CBB 3TZ B . 8.45 5.97 3.65
CBD 3TZ B . 4.28 6.44 0.84
CBE 3TZ B . 2.96 4.54 0.35
CBG 3TZ B . 3.25 5.56 1.26
OE1 3TZ B . 12.22 6.35 7.97
OE2 3TZ B . 10.96 6.01 9.84
OXT 3TZ B . 8.94 1.90 5.31
PA NDP C . 1.79 5.16 -9.98
O1A NDP C . 2.69 4.94 -8.82
O2A NDP C . 0.63 4.32 -10.20
O5B NDP C . 2.72 5.15 -11.31
C5B NDP C . 2.09 5.08 -12.55
C4B NDP C . 3.12 4.47 -13.54
O4B NDP C . 3.25 3.09 -13.05
C3B NDP C . 2.42 4.32 -14.89
O3B NDP C . 2.73 5.42 -15.76
C2B NDP C . 3.10 3.06 -15.28
O2B NDP C . 4.38 3.09 -15.78
C1B NDP C . 3.06 2.11 -14.17
N9A NDP C . 1.87 1.32 -13.86
C8A NDP C . 0.88 1.65 -12.98
N7A NDP C . 0.08 0.61 -12.89
C5A NDP C . 0.56 -0.38 -13.72
C6A NDP C . 0.11 -1.63 -14.03
N6A NDP C . -1.01 -2.15 -13.46
N1A NDP C . 0.85 -2.36 -14.86
C2A NDP C . 2.01 -1.89 -15.39
N3A NDP C . 2.47 -0.65 -15.14
C4A NDP C . 1.69 0.07 -14.30
O3 NDP C . 1.38 6.78 -10.06
PN NDP C . 0.37 7.72 -9.24
O1N NDP C . 0.63 9.05 -9.88
O2N NDP C . -0.95 7.11 -9.19
O5D NDP C . 0.91 7.71 -7.88
C5D NDP C . 2.10 8.41 -7.33
C4D NDP C . 1.58 9.62 -6.49
O4D NDP C . 0.78 9.11 -5.38
C3D NDP C . 2.69 10.40 -5.89
O3D NDP C . 2.22 11.77 -5.56
C2D NDP C . 2.87 9.69 -4.52
O2D NDP C . 3.46 10.54 -3.48
C1D NDP C . 1.40 9.39 -4.17
N1N NDP C . 1.23 8.14 -3.34
C2N NDP C . 0.65 8.40 -2.12
C3N NDP C . 0.32 7.31 -1.31
C7N NDP C . -0.37 7.49 0.01
O7N NDP C . -0.63 6.49 0.69
N7N NDP C . -0.78 8.76 0.30
C4N NDP C . 0.62 5.97 -1.73
C5N NDP C . 1.27 5.80 -2.99
C6N NDP C . 1.57 6.86 -3.81
P2B NDP C . 4.77 2.99 -17.34
O1X NDP C . 4.12 1.76 -17.89
O2X NDP C . 6.24 2.88 -17.27
O3X NDP C . 4.28 4.18 -18.05
S SO4 D . 2.56 -7.81 -22.45
O1 SO4 D . 3.33 -7.93 -21.23
O2 SO4 D . 1.26 -7.26 -22.22
O3 SO4 D . 3.29 -6.95 -23.39
O4 SO4 D . 2.42 -9.15 -23.04
S SO4 E . 3.70 17.20 16.75
O1 SO4 E . 2.43 16.92 17.41
O2 SO4 E . 3.89 18.65 16.69
O3 SO4 E . 4.75 16.62 17.53
O4 SO4 E . 3.73 16.56 15.46
S SO4 F . 15.45 11.86 -4.51
O1 SO4 F . 15.64 11.74 -3.06
O2 SO4 F . 14.75 13.14 -4.68
O3 SO4 F . 16.63 11.93 -5.36
O4 SO4 F . 14.76 10.66 -4.99
S SO4 G . -9.92 -1.00 12.37
O1 SO4 G . -8.97 0.00 12.94
O2 SO4 G . -10.38 -1.85 13.44
O3 SO4 G . -10.90 -0.62 11.37
O4 SO4 G . -8.91 -1.68 11.57
S SO4 H . -13.26 4.92 -9.28
O1 SO4 H . -13.39 3.50 -8.95
O2 SO4 H . -12.99 5.70 -8.08
O3 SO4 H . -12.30 5.17 -10.34
O4 SO4 H . -14.58 5.43 -9.73
#